data_6FDQ
#
_entry.id   6FDQ
#
_cell.length_a   43.590
_cell.length_b   57.037
_cell.length_c   114.593
_cell.angle_alpha   90.00
_cell.angle_beta   94.73
_cell.angle_gamma   90.00
#
_symmetry.space_group_name_H-M   'P 1 21 1'
#
loop_
_entity.id
_entity.type
_entity.pdbx_description
1 polymer 'Deubiquitinase and deneddylase Dub1'
2 non-polymer N-benzyl-2-[(Z)-iminomethyl]pyrimidine-5-carboxamide
3 water water
#
_entity_poly.entity_id   1
_entity_poly.type   'polypeptide(L)'
_entity_poly.pdbx_seq_one_letter_code
;MKHHHHHHSAGLEVLFQGPRRQTIEALVPAWDSDIIFKCLCYFHTLYPGLIPLETFPPATIFNFKQKIISILEDKKAVLR
GEPIKGPLPICCSKENYRRHLQRTTLLPVFMWYHPTPKTLSDTMQTMKQLAIKGSVGASHWLLVIVDIQARRLVYFDSLY
NYVMPPENMKKELQSFAQQLDQVYPAYDSKKFSVKIAAKEVIQRGSGSSCGAWCCQFLHWYLKDPLTDALNDLPVDSVER
HENLASFVQACEAAVQDLPELSWPEA
;
_entity_poly.pdbx_strand_id   A,B
#
# COMPACT_ATOMS: atom_id res chain seq x y z
N VAL A 28 -1.19 2.70 15.19
CA VAL A 28 -1.51 3.92 14.35
C VAL A 28 -2.97 3.87 13.81
N PRO A 29 -3.91 4.52 14.54
CA PRO A 29 -5.27 4.61 14.01
C PRO A 29 -5.33 5.60 12.85
N ALA A 30 -6.51 5.71 12.23
CA ALA A 30 -6.72 6.68 11.16
C ALA A 30 -6.79 8.11 11.71
N TRP A 31 -5.96 9.01 11.17
CA TRP A 31 -6.04 10.47 11.48
C TRP A 31 -7.00 11.16 10.52
N ASP A 32 -8.11 11.64 11.04
CA ASP A 32 -9.10 12.29 10.19
C ASP A 32 -8.69 13.77 10.14
N SER A 33 -9.51 14.59 9.52
CA SER A 33 -9.18 15.97 9.26
C SER A 33 -9.04 16.81 10.56
N ASP A 34 -9.88 16.50 11.58
CA ASP A 34 -9.95 17.27 12.82
C ASP A 34 -8.68 17.14 13.58
N ILE A 35 -8.18 15.92 13.68
CA ILE A 35 -6.92 15.63 14.38
C ILE A 35 -5.70 16.21 13.60
N ILE A 36 -5.77 16.13 12.27
CA ILE A 36 -4.73 16.69 11.48
C ILE A 36 -4.67 18.24 11.70
N PHE A 37 -5.83 18.92 11.73
CA PHE A 37 -5.90 20.34 11.94
C PHE A 37 -5.27 20.73 13.28
N LYS A 38 -5.75 20.12 14.38
CA LYS A 38 -5.16 20.24 15.68
C LYS A 38 -3.65 20.10 15.71
N CYS A 39 -3.18 19.05 15.13
CA CYS A 39 -1.78 18.80 15.09
C CYS A 39 -1.03 19.92 14.33
N LEU A 40 -1.69 20.54 13.37
CA LEU A 40 -1.13 21.68 12.63
C LEU A 40 -1.13 22.94 13.54
N CYS A 41 -2.21 23.13 14.29
CA CYS A 41 -2.29 24.16 15.28
C CYS A 41 -1.11 24.03 16.22
N TYR A 42 -1.03 22.99 17.01
CA TYR A 42 0.19 22.67 17.70
C TYR A 42 1.49 22.90 16.90
N PHE A 43 1.59 22.44 15.69
CA PHE A 43 2.81 22.66 14.93
C PHE A 43 3.13 24.17 14.74
N HIS A 44 2.07 24.99 14.65
CA HIS A 44 2.26 26.39 14.50
C HIS A 44 2.87 27.00 15.77
N THR A 45 2.31 26.64 16.93
CA THR A 45 2.88 27.11 18.15
C THR A 45 4.37 26.67 18.31
N LEU A 46 4.82 25.63 17.67
CA LEU A 46 6.26 25.33 17.66
C LEU A 46 7.04 26.04 16.58
N TYR A 47 6.46 26.23 15.39
CA TYR A 47 7.15 26.75 14.19
C TYR A 47 6.18 27.75 13.61
N PRO A 48 6.24 28.99 14.11
CA PRO A 48 5.20 29.93 13.78
C PRO A 48 5.13 30.30 12.31
N GLY A 49 6.19 30.07 11.52
CA GLY A 49 6.07 30.25 10.08
C GLY A 49 5.10 29.27 9.30
N LEU A 50 4.65 28.23 9.97
CA LEU A 50 3.58 27.37 9.45
C LEU A 50 2.21 27.96 9.74
N ILE A 51 1.46 28.27 8.71
CA ILE A 51 0.05 28.62 8.84
C ILE A 51 -0.78 27.31 9.03
N PRO A 52 -1.69 27.25 10.00
CA PRO A 52 -2.34 25.94 10.21
C PRO A 52 -3.63 25.80 9.34
N LEU A 53 -3.45 25.60 8.05
CA LEU A 53 -4.55 25.64 7.07
C LEU A 53 -5.61 24.60 7.42
N GLU A 54 -6.87 25.02 7.33
CA GLU A 54 -7.96 24.09 7.67
C GLU A 54 -8.01 22.86 6.69
N THR A 55 -8.36 21.72 7.27
CA THR A 55 -8.48 20.44 6.59
C THR A 55 -9.94 20.06 6.34
N PHE A 56 -10.87 20.95 6.65
N PHE A 56 -10.88 20.93 6.69
CA PHE A 56 -12.30 20.75 6.45
CA PHE A 56 -12.29 20.68 6.37
C PHE A 56 -13.00 21.98 5.83
C PHE A 56 -13.02 21.94 5.83
N PRO A 57 -13.40 21.94 4.54
CA PRO A 57 -13.21 20.88 3.56
C PRO A 57 -11.76 20.97 3.08
N PRO A 58 -11.12 19.85 2.77
CA PRO A 58 -9.68 19.83 2.46
C PRO A 58 -9.46 20.18 0.98
N ALA A 59 -8.19 20.39 0.66
CA ALA A 59 -7.77 20.46 -0.69
C ALA A 59 -7.94 19.10 -1.34
N THR A 60 -8.08 19.13 -2.65
CA THR A 60 -8.17 17.91 -3.47
C THR A 60 -7.13 18.04 -4.58
N ILE A 61 -7.00 17.02 -5.40
CA ILE A 61 -6.10 16.98 -6.54
C ILE A 61 -6.69 17.89 -7.61
N PHE A 62 -7.99 18.19 -7.53
CA PHE A 62 -8.63 19.14 -8.47
C PHE A 62 -8.49 20.64 -8.20
N ASN A 63 -8.30 21.01 -6.95
CA ASN A 63 -8.30 22.43 -6.58
C ASN A 63 -7.10 22.88 -5.74
N PHE A 64 -6.13 22.00 -5.43
CA PHE A 64 -5.01 22.37 -4.56
C PHE A 64 -4.21 23.52 -5.16
N LYS A 65 -4.02 23.52 -6.48
CA LYS A 65 -3.30 24.65 -7.17
C LYS A 65 -3.93 26.00 -6.97
N GLN A 66 -5.22 26.01 -7.18
CA GLN A 66 -6.01 27.21 -7.07
C GLN A 66 -6.05 27.69 -5.64
N LYS A 67 -6.04 26.72 -4.72
CA LYS A 67 -6.12 27.08 -3.32
C LYS A 67 -4.83 27.76 -2.91
N ILE A 68 -3.69 27.19 -3.34
CA ILE A 68 -2.37 27.71 -3.01
C ILE A 68 -2.15 29.09 -3.61
N ILE A 69 -2.40 29.21 -4.91
CA ILE A 69 -2.39 30.51 -5.58
C ILE A 69 -3.22 31.55 -4.82
N SER A 70 -4.38 31.19 -4.34
CA SER A 70 -5.26 32.12 -3.68
C SER A 70 -4.68 32.57 -2.27
N ILE A 71 -3.98 31.65 -1.64
CA ILE A 71 -3.38 31.91 -0.38
C ILE A 71 -2.24 32.82 -0.63
N LEU A 72 -1.36 32.47 -1.55
CA LEU A 72 -0.24 33.35 -1.86
C LEU A 72 -0.62 34.76 -2.39
N GLU A 73 -1.76 34.90 -3.06
CA GLU A 73 -2.25 36.19 -3.43
C GLU A 73 -2.77 37.01 -2.29
N ASP A 74 -3.46 36.37 -1.37
CA ASP A 74 -3.86 37.01 -0.15
C ASP A 74 -2.65 37.42 0.71
N LYS A 75 -1.59 36.62 0.71
CA LYS A 75 -0.40 36.97 1.43
C LYS A 75 0.16 38.27 0.81
N LYS A 76 0.21 38.34 -0.52
CA LYS A 76 0.67 39.53 -1.21
C LYS A 76 -0.18 40.76 -0.86
N ALA A 77 -1.50 40.60 -0.78
CA ALA A 77 -2.36 41.70 -0.44
C ALA A 77 -2.03 42.21 0.95
N VAL A 78 -1.89 41.26 1.90
CA VAL A 78 -1.56 41.57 3.27
C VAL A 78 -0.22 42.35 3.34
N LEU A 79 0.80 41.92 2.62
CA LEU A 79 2.08 42.64 2.56
C LEU A 79 1.98 44.08 2.01
N ARG A 80 0.99 44.38 1.19
CA ARG A 80 0.71 45.75 0.75
C ARG A 80 -0.34 46.48 1.55
N GLY A 81 -0.70 45.98 2.74
CA GLY A 81 -1.77 46.52 3.54
C GLY A 81 -3.16 46.54 2.93
N GLU A 82 -3.42 45.70 1.93
CA GLU A 82 -4.70 45.73 1.21
C GLU A 82 -5.64 44.67 1.79
N PRO A 83 -6.94 44.72 1.46
CA PRO A 83 -7.89 43.62 1.76
C PRO A 83 -7.55 42.24 1.15
N ILE A 84 -7.84 41.18 1.90
CA ILE A 84 -7.87 39.84 1.33
C ILE A 84 -9.17 39.58 0.60
N LYS A 85 -9.04 38.74 -0.42
CA LYS A 85 -10.17 38.42 -1.29
C LYS A 85 -10.72 37.06 -0.98
N GLY A 86 -9.83 36.08 -0.76
CA GLY A 86 -10.17 34.64 -0.67
C GLY A 86 -10.93 34.45 0.64
N PRO A 87 -11.38 33.21 0.93
CA PRO A 87 -12.34 33.02 2.02
C PRO A 87 -11.65 32.88 3.35
N LEU A 88 -12.23 33.53 4.36
CA LEU A 88 -11.80 33.41 5.73
C LEU A 88 -11.97 31.95 6.23
N PRO A 89 -10.96 31.42 6.94
CA PRO A 89 -11.19 30.15 7.62
C PRO A 89 -12.37 30.22 8.60
N ILE A 90 -12.93 29.06 8.88
CA ILE A 90 -14.13 28.97 9.69
C ILE A 90 -13.77 29.26 11.11
N CYS A 91 -12.56 28.83 11.52
CA CYS A 91 -12.15 28.82 12.94
C CYS A 91 -11.09 29.88 13.36
N CYS A 92 -11.06 30.98 12.62
CA CYS A 92 -10.05 32.04 12.76
C CYS A 92 -10.72 33.37 12.47
N SER A 93 -10.34 34.41 13.21
CA SER A 93 -10.87 35.75 12.96
C SER A 93 -10.13 36.31 11.72
N LYS A 94 -10.78 37.28 11.08
CA LYS A 94 -10.13 38.12 10.06
C LYS A 94 -8.73 38.67 10.48
N GLU A 95 -8.72 39.28 11.64
CA GLU A 95 -7.51 39.92 12.18
C GLU A 95 -6.38 38.91 12.33
N ASN A 96 -6.65 37.79 12.97
CA ASN A 96 -5.65 36.73 13.14
C ASN A 96 -5.18 36.12 11.81
N TYR A 97 -6.09 36.03 10.87
CA TYR A 97 -5.77 35.42 9.56
C TYR A 97 -4.79 36.29 8.82
N ARG A 98 -4.98 37.63 8.91
CA ARG A 98 -3.99 38.65 8.38
C ARG A 98 -2.61 38.51 8.94
N ARG A 99 -2.53 38.31 10.22
CA ARG A 99 -1.20 38.15 10.86
C ARG A 99 -0.52 36.86 10.41
N HIS A 100 -1.29 35.75 10.40
CA HIS A 100 -0.80 34.45 9.83
C HIS A 100 -0.25 34.60 8.45
N LEU A 101 -1.04 35.25 7.58
CA LEU A 101 -0.64 35.47 6.20
C LEU A 101 0.63 36.27 6.10
N GLN A 102 0.71 37.34 6.90
CA GLN A 102 1.93 38.14 7.02
C GLN A 102 3.16 37.32 7.47
N ARG A 103 3.01 36.55 8.55
CA ARG A 103 4.15 35.82 9.14
C ARG A 103 4.51 34.52 8.37
N THR A 104 3.53 33.87 7.71
CA THR A 104 3.77 32.48 7.25
C THR A 104 4.84 32.32 6.18
N THR A 105 5.68 31.31 6.35
CA THR A 105 6.72 30.96 5.41
C THR A 105 6.51 29.58 4.88
N LEU A 106 5.33 29.00 5.11
CA LEU A 106 5.12 27.51 4.93
C LEU A 106 3.67 27.14 4.91
N LEU A 107 3.17 26.67 3.73
CA LEU A 107 1.76 26.27 3.61
C LEU A 107 1.77 24.77 3.65
N PRO A 108 1.08 24.17 4.65
CA PRO A 108 0.95 22.68 4.70
C PRO A 108 -0.36 22.24 4.07
N VAL A 109 -0.32 21.82 2.81
CA VAL A 109 -1.59 21.54 2.08
C VAL A 109 -1.92 20.08 2.15
N PHE A 110 -2.98 19.76 2.89
CA PHE A 110 -3.45 18.39 3.01
C PHE A 110 -4.44 18.12 1.94
N MET A 111 -4.16 17.07 1.19
CA MET A 111 -4.92 16.74 -0.02
C MET A 111 -5.64 15.38 0.26
N TRP A 112 -6.96 15.38 0.22
CA TRP A 112 -7.74 14.15 0.37
C TRP A 112 -8.01 13.54 -1.01
N TYR A 113 -7.48 12.33 -1.23
CA TYR A 113 -7.61 11.59 -2.49
C TYR A 113 -8.48 10.30 -2.38
N HIS A 114 -9.27 10.07 -3.41
CA HIS A 114 -9.87 8.79 -3.74
C HIS A 114 -9.78 8.60 -5.25
N PRO A 115 -9.37 7.39 -5.72
CA PRO A 115 -9.24 7.09 -7.20
C PRO A 115 -10.50 7.23 -8.08
N THR A 116 -11.65 7.07 -7.46
CA THR A 116 -12.91 6.97 -8.22
C THR A 116 -13.51 8.31 -8.62
N PRO A 117 -13.78 9.23 -7.68
CA PRO A 117 -14.43 10.50 -8.08
C PRO A 117 -13.60 11.28 -9.09
N LYS A 118 -14.25 11.89 -10.07
CA LYS A 118 -13.54 12.59 -11.15
C LYS A 118 -13.72 14.10 -11.18
N THR A 119 -14.41 14.67 -10.20
CA THR A 119 -14.54 16.13 -9.99
C THR A 119 -14.30 16.46 -8.48
N LEU A 120 -13.98 17.71 -8.18
CA LEU A 120 -13.94 18.17 -6.79
C LEU A 120 -15.25 17.80 -6.04
N SER A 121 -16.40 18.18 -6.59
CA SER A 121 -17.66 17.94 -5.92
C SER A 121 -17.91 16.44 -5.62
N ASP A 122 -17.54 15.58 -6.56
CA ASP A 122 -17.62 14.12 -6.34
C ASP A 122 -16.69 13.69 -5.26
N THR A 123 -15.43 14.16 -5.35
CA THR A 123 -14.43 13.92 -4.27
C THR A 123 -14.98 14.20 -2.86
N MET A 124 -15.65 15.34 -2.74
CA MET A 124 -16.23 15.73 -1.45
C MET A 124 -17.38 14.84 -1.03
N GLN A 125 -18.18 14.43 -2.03
CA GLN A 125 -19.33 13.59 -1.77
C GLN A 125 -18.83 12.24 -1.31
N THR A 126 -17.85 11.69 -2.03
CA THR A 126 -17.17 10.46 -1.62
C THR A 126 -16.58 10.59 -0.22
N MET A 127 -15.93 11.73 0.06
CA MET A 127 -15.36 11.95 1.40
C MET A 127 -16.42 11.90 2.48
N LYS A 128 -17.47 12.70 2.30
CA LYS A 128 -18.63 12.63 3.20
C LYS A 128 -19.17 11.20 3.33
N GLN A 129 -19.37 10.51 2.20
CA GLN A 129 -19.87 9.14 2.23
C GLN A 129 -18.97 8.23 3.05
N LEU A 130 -17.68 8.20 2.77
CA LEU A 130 -16.73 7.35 3.52
C LEU A 130 -16.62 7.60 5.04
N ALA A 131 -17.00 8.81 5.49
CA ALA A 131 -17.09 9.13 6.92
C ALA A 131 -18.20 8.33 7.57
N ILE A 132 -19.39 8.38 6.97
CA ILE A 132 -20.57 7.69 7.46
C ILE A 132 -20.34 6.18 7.43
N LYS A 133 -19.69 5.64 6.39
CA LYS A 133 -19.35 4.21 6.40
C LYS A 133 -18.22 3.92 7.37
N GLY A 134 -17.54 4.97 7.82
CA GLY A 134 -16.50 4.86 8.82
C GLY A 134 -15.37 3.93 8.42
N SER A 135 -15.01 3.87 7.13
CA SER A 135 -13.76 3.22 6.72
C SER A 135 -12.92 4.16 5.87
N VAL A 136 -11.60 3.95 5.93
CA VAL A 136 -10.65 4.36 4.86
C VAL A 136 -11.19 4.14 3.43
N GLY A 137 -11.65 2.90 3.15
CA GLY A 137 -11.85 2.41 1.78
C GLY A 137 -10.52 2.58 1.05
N ALA A 138 -10.62 3.04 -0.19
CA ALA A 138 -9.45 3.35 -0.95
C ALA A 138 -8.97 4.82 -0.73
N SER A 139 -9.58 5.53 0.20
CA SER A 139 -9.20 6.93 0.40
C SER A 139 -7.79 7.17 1.03
N HIS A 140 -7.22 8.37 0.78
CA HIS A 140 -5.80 8.68 1.11
C HIS A 140 -5.62 10.16 1.44
N TRP A 141 -4.58 10.48 2.24
CA TRP A 141 -4.13 11.82 2.42
C TRP A 141 -2.78 11.96 1.81
N LEU A 142 -2.62 13.07 1.10
CA LEU A 142 -1.36 13.50 0.56
C LEU A 142 -1.03 14.88 1.18
N LEU A 143 0.28 15.16 1.25
CA LEU A 143 0.78 16.44 1.70
C LEU A 143 1.60 17.10 0.62
N VAL A 144 1.23 18.34 0.29
CA VAL A 144 2.04 19.30 -0.45
C VAL A 144 2.45 20.46 0.49
N ILE A 145 3.76 20.56 0.70
CA ILE A 145 4.32 21.61 1.45
C ILE A 145 4.70 22.67 0.40
N VAL A 146 4.14 23.86 0.58
CA VAL A 146 4.64 25.04 -0.13
C VAL A 146 5.59 25.78 0.79
N ASP A 147 6.87 25.58 0.60
CA ASP A 147 7.87 26.25 1.48
C ASP A 147 8.21 27.58 0.81
N ILE A 148 7.62 28.64 1.34
CA ILE A 148 7.84 30.01 0.77
C ILE A 148 9.31 30.42 0.92
N GLN A 149 9.95 30.13 2.03
CA GLN A 149 11.34 30.58 2.19
C GLN A 149 12.30 29.90 1.26
N ALA A 150 12.31 28.59 1.22
CA ALA A 150 13.25 27.81 0.34
C ALA A 150 12.89 27.88 -1.11
N ARG A 151 11.64 28.29 -1.36
CA ARG A 151 10.95 28.23 -2.64
C ARG A 151 10.91 26.77 -3.15
N ARG A 152 10.27 25.91 -2.35
CA ARG A 152 10.23 24.46 -2.59
C ARG A 152 8.82 23.88 -2.51
N LEU A 153 8.43 23.13 -3.54
CA LEU A 153 7.22 22.32 -3.51
C LEU A 153 7.60 20.92 -3.12
N VAL A 154 7.05 20.45 -1.99
CA VAL A 154 7.35 19.10 -1.54
C VAL A 154 6.07 18.22 -1.51
N TYR A 155 6.10 17.16 -2.32
CA TYR A 155 4.97 16.24 -2.49
C TYR A 155 5.31 14.95 -1.74
N PHE A 156 4.50 14.68 -0.74
CA PHE A 156 4.67 13.54 0.04
C PHE A 156 3.43 12.62 -0.13
N ASP A 157 3.69 11.45 -0.72
CA ASP A 157 2.73 10.31 -0.73
C ASP A 157 3.33 9.04 -0.09
N SER A 158 2.81 8.69 1.10
CA SER A 158 3.26 7.51 1.87
C SER A 158 3.01 6.22 1.16
N LEU A 159 2.12 6.28 0.17
CA LEU A 159 1.90 5.14 -0.79
C LEU A 159 2.79 5.21 -2.02
N TYR A 160 3.65 6.24 -2.15
CA TYR A 160 4.61 6.33 -3.25
C TYR A 160 4.01 6.73 -4.59
N ASN A 161 2.98 6.01 -5.09
CA ASN A 161 2.42 6.46 -6.35
C ASN A 161 0.91 6.25 -6.48
N TYR A 162 0.18 6.62 -5.44
CA TYR A 162 -1.23 6.35 -5.43
C TYR A 162 -2.04 7.14 -6.42
N VAL A 163 -1.54 8.32 -6.77
CA VAL A 163 -2.33 9.23 -7.62
C VAL A 163 -1.85 9.09 -9.05
N MET A 164 -0.52 9.02 -9.22
CA MET A 164 0.11 8.86 -10.55
C MET A 164 1.55 8.58 -10.22
N PRO A 165 2.36 8.24 -11.23
CA PRO A 165 3.72 7.95 -10.87
C PRO A 165 4.43 9.20 -10.33
N PRO A 166 5.45 9.01 -9.43
CA PRO A 166 6.14 10.25 -8.99
C PRO A 166 6.65 11.16 -10.15
N GLU A 167 7.10 10.58 -11.28
CA GLU A 167 7.72 11.38 -12.33
C GLU A 167 6.71 12.26 -13.04
N ASN A 168 5.48 11.78 -13.14
CA ASN A 168 4.41 12.52 -13.76
C ASN A 168 4.04 13.61 -12.82
N MET A 169 3.86 13.26 -11.54
CA MET A 169 3.51 14.29 -10.55
C MET A 169 4.61 15.43 -10.49
N LYS A 170 5.90 15.06 -10.56
CA LYS A 170 7.01 16.00 -10.63
C LYS A 170 6.82 16.95 -11.78
N LYS A 171 6.48 16.42 -12.94
CA LYS A 171 6.33 17.25 -14.13
C LYS A 171 5.16 18.20 -13.97
N GLU A 172 4.05 17.75 -13.44
CA GLU A 172 2.91 18.64 -13.23
C GLU A 172 3.21 19.76 -12.23
N LEU A 173 4.02 19.43 -11.24
CA LEU A 173 4.42 20.37 -10.23
C LEU A 173 5.48 21.33 -10.73
N GLN A 174 6.36 20.90 -11.65
CA GLN A 174 7.30 21.88 -12.25
C GLN A 174 6.50 22.88 -13.05
N SER A 175 5.44 22.45 -13.74
CA SER A 175 4.54 23.41 -14.41
CA SER A 175 4.54 23.41 -14.41
C SER A 175 3.92 24.38 -13.40
N PHE A 176 3.42 23.81 -12.30
CA PHE A 176 2.74 24.61 -11.30
C PHE A 176 3.73 25.56 -10.66
N ALA A 177 4.93 25.08 -10.40
CA ALA A 177 6.00 25.90 -9.83
C ALA A 177 6.35 27.14 -10.68
N GLN A 178 6.20 27.07 -12.00
CA GLN A 178 6.41 28.24 -12.87
C GLN A 178 5.29 29.26 -12.74
N GLN A 179 4.03 28.81 -12.58
CA GLN A 179 2.92 29.74 -12.29
C GLN A 179 3.19 30.49 -10.99
N LEU A 180 3.72 29.77 -10.00
CA LEU A 180 4.04 30.34 -8.71
C LEU A 180 5.18 31.36 -8.80
N ASP A 181 6.15 31.14 -9.71
CA ASP A 181 7.18 32.19 -9.98
C ASP A 181 6.52 33.47 -10.46
N GLN A 182 5.51 33.38 -11.31
CA GLN A 182 4.74 34.57 -11.71
C GLN A 182 3.86 35.09 -10.61
N VAL A 183 3.24 34.22 -9.82
CA VAL A 183 2.28 34.71 -8.80
C VAL A 183 2.92 35.31 -7.55
N TYR A 184 4.02 34.70 -7.10
CA TYR A 184 4.73 35.03 -5.88
C TYR A 184 6.23 35.13 -6.24
N PRO A 185 6.60 36.22 -6.92
CA PRO A 185 8.00 36.31 -7.40
C PRO A 185 8.98 36.54 -6.27
N ALA A 186 10.19 36.03 -6.45
CA ALA A 186 11.24 36.24 -5.48
C ALA A 186 11.97 37.51 -5.81
N TYR A 187 12.67 38.03 -4.80
CA TYR A 187 13.42 39.29 -4.94
C TYR A 187 14.37 39.11 -6.11
N ASP A 188 15.07 37.98 -6.17
CA ASP A 188 16.06 37.64 -7.20
C ASP A 188 15.64 36.63 -8.32
N SER A 189 14.33 36.47 -8.54
CA SER A 189 13.85 35.53 -9.56
C SER A 189 14.32 34.03 -9.35
N LYS A 190 14.58 33.63 -8.08
CA LYS A 190 14.92 32.26 -7.74
C LYS A 190 13.63 31.52 -7.97
N LYS A 191 13.76 30.39 -8.66
CA LYS A 191 12.60 29.63 -9.09
C LYS A 191 12.27 28.54 -8.09
N PHE A 192 10.98 28.44 -7.89
CA PHE A 192 10.43 27.35 -7.16
C PHE A 192 10.89 26.02 -7.78
N SER A 193 11.40 25.15 -6.90
CA SER A 193 11.89 23.84 -7.23
C SER A 193 10.89 22.86 -6.65
N VAL A 194 10.99 21.60 -7.11
CA VAL A 194 10.02 20.53 -6.76
C VAL A 194 10.77 19.35 -6.27
N LYS A 195 10.35 18.81 -5.12
CA LYS A 195 10.88 17.52 -4.67
C LYS A 195 9.78 16.53 -4.46
N ILE A 196 9.97 15.34 -4.99
CA ILE A 196 9.09 14.23 -4.65
C ILE A 196 9.70 13.51 -3.44
N ALA A 197 9.00 13.60 -2.30
CA ALA A 197 9.49 13.07 -1.03
C ALA A 197 9.71 11.54 -1.06
N ALA A 198 8.67 10.73 -1.35
CA ALA A 198 8.81 9.26 -1.20
C ALA A 198 9.41 8.56 -2.40
N LYS A 199 10.51 7.85 -2.18
CA LYS A 199 11.20 7.01 -3.20
C LYS A 199 10.81 5.53 -3.23
N GLU A 200 10.11 5.08 -2.20
CA GLU A 200 9.54 3.72 -2.06
C GLU A 200 8.19 3.88 -1.37
N VAL A 201 7.44 2.83 -1.19
CA VAL A 201 6.21 2.85 -0.43
C VAL A 201 6.67 3.01 0.98
N ILE A 202 6.10 4.02 1.67
CA ILE A 202 6.52 4.33 3.00
C ILE A 202 5.64 3.56 3.99
N GLN A 203 4.31 3.65 3.86
CA GLN A 203 3.42 2.88 4.77
C GLN A 203 3.12 1.48 4.26
N ARG A 204 4.14 0.66 3.99
CA ARG A 204 3.89 -0.73 3.56
C ARG A 204 2.81 -1.54 4.35
N GLY A 205 2.97 -1.85 5.61
CA GLY A 205 1.98 -2.92 6.13
C GLY A 205 0.92 -2.33 7.05
N SER A 206 0.26 -1.26 6.58
CA SER A 206 -0.77 -0.48 7.37
C SER A 206 -1.64 0.19 6.33
N GLY A 207 -2.94 0.14 6.53
CA GLY A 207 -3.83 0.90 5.65
C GLY A 207 -4.53 2.04 6.35
N SER A 208 -4.13 2.28 7.59
CA SER A 208 -4.76 3.32 8.40
C SER A 208 -3.86 4.54 8.63
N SER A 209 -2.56 4.44 8.36
CA SER A 209 -1.54 5.39 8.94
C SER A 209 -1.22 6.65 8.14
N CYS A 210 -2.04 7.03 7.17
CA CYS A 210 -1.55 7.92 6.12
C CYS A 210 -1.59 9.37 6.61
N GLY A 211 -2.61 9.76 7.35
CA GLY A 211 -2.66 11.06 8.05
C GLY A 211 -1.46 11.23 8.96
N ALA A 212 -1.31 10.36 9.96
CA ALA A 212 -0.10 10.35 10.81
C ALA A 212 1.23 10.42 10.03
N TRP A 213 1.35 9.68 8.94
CA TRP A 213 2.60 9.73 8.17
C TRP A 213 2.85 11.12 7.65
N CYS A 214 1.78 11.77 7.24
CA CYS A 214 1.83 13.07 6.60
C CYS A 214 2.31 14.14 7.62
N CYS A 215 1.69 14.11 8.81
CA CYS A 215 2.11 14.91 9.95
C CYS A 215 3.55 14.58 10.40
N GLN A 216 3.91 13.33 10.52
CA GLN A 216 5.30 12.94 10.78
C GLN A 216 6.26 13.50 9.73
N PHE A 217 5.95 13.33 8.47
CA PHE A 217 6.87 13.83 7.46
C PHE A 217 6.99 15.38 7.60
N LEU A 218 5.83 16.04 7.72
CA LEU A 218 5.79 17.44 7.99
C LEU A 218 6.73 17.79 9.13
N HIS A 219 6.59 17.09 10.26
CA HIS A 219 7.38 17.45 11.44
C HIS A 219 8.88 17.28 11.17
N TRP A 220 9.28 16.20 10.55
CA TRP A 220 10.68 16.09 10.19
C TRP A 220 11.17 17.27 9.34
N TYR A 221 10.26 17.77 8.50
CA TYR A 221 10.63 18.77 7.55
C TYR A 221 10.83 20.13 8.25
N LEU A 222 9.92 20.44 9.19
CA LEU A 222 10.03 21.57 10.09
C LEU A 222 11.33 21.48 10.90
N LYS A 223 11.56 20.35 11.58
CA LYS A 223 12.83 20.16 12.26
C LYS A 223 14.03 20.33 11.37
N ASP A 224 13.93 19.85 10.13
CA ASP A 224 15.03 20.01 9.19
C ASP A 224 14.49 20.04 7.80
N PRO A 225 14.48 21.21 7.16
CA PRO A 225 13.99 21.19 5.78
C PRO A 225 14.93 20.46 4.86
N LEU A 226 16.20 20.29 5.24
CA LEU A 226 17.14 19.49 4.45
C LEU A 226 17.12 17.98 4.83
N THR A 227 16.00 17.54 5.45
CA THR A 227 15.82 16.22 6.03
C THR A 227 15.98 15.18 4.97
N ASP A 228 16.79 14.15 5.14
CA ASP A 228 16.35 12.91 4.44
C ASP A 228 15.98 11.86 5.44
N ALA A 229 15.02 12.23 6.29
CA ALA A 229 14.47 11.29 7.28
C ALA A 229 13.88 10.01 6.64
N LEU A 230 13.25 10.14 5.46
CA LEU A 230 12.60 9.00 4.71
C LEU A 230 13.57 7.92 4.28
N ASN A 231 14.71 8.32 3.76
CA ASN A 231 15.86 7.43 3.48
C ASN A 231 16.42 6.72 4.74
N ASP A 232 16.28 7.31 5.92
CA ASP A 232 16.89 6.70 7.11
C ASP A 232 15.98 5.69 7.80
N LEU A 233 14.73 5.56 7.34
CA LEU A 233 13.76 4.70 8.00
C LEU A 233 14.22 3.24 8.12
N PRO A 234 13.73 2.54 9.17
CA PRO A 234 14.08 1.14 9.27
C PRO A 234 13.36 0.38 8.13
N VAL A 235 14.07 -0.60 7.58
CA VAL A 235 13.56 -1.45 6.49
C VAL A 235 12.29 -2.23 6.92
N ASP A 236 12.35 -2.83 8.10
CA ASP A 236 11.23 -3.46 8.72
C ASP A 236 10.00 -2.56 8.83
N SER A 237 8.87 -3.00 8.24
CA SER A 237 7.60 -2.30 8.26
C SER A 237 7.02 -2.19 9.67
N VAL A 238 7.26 -3.18 10.53
CA VAL A 238 6.70 -3.17 11.89
C VAL A 238 7.39 -2.09 12.75
N GLU A 239 8.72 -2.13 12.71
CA GLU A 239 9.59 -1.16 13.39
C GLU A 239 9.22 0.25 13.03
N ARG A 240 9.12 0.52 11.75
CA ARG A 240 8.80 1.86 11.28
C ARG A 240 7.39 2.27 11.75
N HIS A 241 6.45 1.33 11.88
CA HIS A 241 5.12 1.73 12.37
C HIS A 241 5.00 1.76 13.86
N GLU A 242 5.90 1.10 14.56
CA GLU A 242 6.05 1.26 16.00
C GLU A 242 6.50 2.71 16.28
N ASN A 243 7.61 3.13 15.64
CA ASN A 243 8.11 4.53 15.72
C ASN A 243 6.98 5.49 15.38
N LEU A 244 6.24 5.25 14.32
CA LEU A 244 5.18 6.15 13.95
C LEU A 244 4.12 6.18 15.02
N ALA A 245 3.79 5.02 15.61
CA ALA A 245 2.83 5.00 16.71
C ALA A 245 3.28 5.91 17.93
N SER A 246 4.58 5.89 18.27
CA SER A 246 5.18 6.77 19.31
C SER A 246 4.96 8.20 18.94
N PHE A 247 5.35 8.56 17.73
CA PHE A 247 5.01 9.84 17.19
C PHE A 247 3.54 10.17 17.47
N VAL A 248 2.60 9.36 17.03
CA VAL A 248 1.20 9.68 17.26
C VAL A 248 0.84 9.89 18.75
N GLN A 249 1.41 9.10 19.64
CA GLN A 249 1.12 9.21 21.09
C GLN A 249 1.65 10.55 21.63
N ALA A 250 2.88 10.89 21.23
CA ALA A 250 3.50 12.16 21.56
C ALA A 250 2.63 13.28 21.11
N CYS A 251 2.12 13.30 19.89
CA CYS A 251 1.19 14.37 19.49
C CYS A 251 -0.14 14.39 20.19
N GLU A 252 -0.81 13.25 20.36
CA GLU A 252 -2.07 13.21 21.08
C GLU A 252 -1.91 13.78 22.52
N ALA A 253 -0.79 13.47 23.18
CA ALA A 253 -0.49 14.00 24.52
C ALA A 253 -0.29 15.52 24.44
N ALA A 254 0.59 15.94 23.54
CA ALA A 254 0.84 17.35 23.26
C ALA A 254 -0.35 18.24 22.87
N VAL A 255 -1.44 17.75 22.28
CA VAL A 255 -2.60 18.64 21.95
C VAL A 255 -3.80 18.49 22.88
N GLN A 256 -3.69 17.64 23.87
CA GLN A 256 -4.82 17.36 24.76
C GLN A 256 -5.48 18.65 25.32
N ASP A 257 -4.67 19.56 25.83
CA ASP A 257 -5.19 20.81 26.41
C ASP A 257 -5.38 22.02 25.46
N LEU A 258 -5.07 21.88 24.16
CA LEU A 258 -5.18 22.98 23.23
C LEU A 258 -6.60 23.18 22.84
N PRO A 259 -7.02 24.44 22.57
CA PRO A 259 -8.44 24.68 22.27
C PRO A 259 -8.97 23.85 21.07
N GLU A 260 -10.28 23.64 21.00
CA GLU A 260 -10.86 22.90 19.89
C GLU A 260 -11.36 23.93 18.88
N LEU A 261 -11.03 23.73 17.61
CA LEU A 261 -11.70 24.46 16.54
C LEU A 261 -11.45 25.99 16.69
N SER A 262 -10.15 26.32 16.66
CA SER A 262 -9.64 27.57 17.15
C SER A 262 -8.19 27.73 16.70
N TRP A 263 -7.94 28.62 15.76
CA TRP A 263 -6.56 28.85 15.34
C TRP A 263 -5.72 29.48 16.47
N PRO A 264 -4.44 29.06 16.57
CA PRO A 264 -3.53 29.76 17.48
C PRO A 264 -3.44 31.20 17.06
N GLU A 265 -3.11 32.09 18.00
CA GLU A 265 -2.96 33.46 17.65
C GLU A 265 -1.55 33.74 17.15
N ALA A 266 -1.44 34.21 15.91
CA ALA A 266 -0.14 34.56 15.32
C ALA A 266 0.33 35.92 15.84
N ARG B 20 7.13 -9.39 24.14
CA ARG B 20 5.67 -9.07 24.28
C ARG B 20 4.78 -9.72 23.18
N ARG B 21 4.82 -9.16 21.95
CA ARG B 21 4.21 -9.81 20.74
C ARG B 21 5.10 -10.80 20.01
N GLN B 22 6.19 -11.16 20.67
CA GLN B 22 6.90 -12.41 20.42
C GLN B 22 6.00 -13.66 20.83
N THR B 23 4.88 -13.39 21.53
CA THR B 23 3.79 -14.38 21.82
C THR B 23 2.98 -14.90 20.59
N ILE B 24 2.73 -14.00 19.64
CA ILE B 24 2.06 -14.30 18.37
C ILE B 24 3.06 -15.06 17.49
N GLU B 25 4.30 -14.56 17.36
CA GLU B 25 5.33 -15.27 16.55
C GLU B 25 5.75 -16.70 17.06
N ALA B 26 5.36 -17.09 18.27
CA ALA B 26 5.49 -18.50 18.75
C ALA B 26 4.24 -19.32 18.52
N LEU B 27 3.09 -18.64 18.41
CA LEU B 27 1.84 -19.35 17.95
C LEU B 27 2.03 -19.75 16.47
N VAL B 28 2.43 -18.78 15.64
CA VAL B 28 2.66 -19.02 14.20
C VAL B 28 4.05 -18.65 13.71
N PRO B 29 5.01 -19.56 13.77
CA PRO B 29 6.33 -19.25 13.21
C PRO B 29 6.30 -19.28 11.68
N ALA B 30 7.44 -18.99 11.07
CA ALA B 30 7.57 -18.76 9.66
C ALA B 30 7.39 -20.03 8.82
N TRP B 31 6.46 -19.98 7.85
CA TRP B 31 6.38 -21.04 6.80
C TRP B 31 7.28 -20.73 5.61
N ASP B 32 8.30 -21.53 5.43
CA ASP B 32 9.25 -21.31 4.38
C ASP B 32 8.72 -21.98 3.12
N SER B 33 9.49 -22.01 2.05
CA SER B 33 9.00 -22.52 0.79
C SER B 33 8.69 -24.05 0.83
N ASP B 34 9.50 -24.82 1.57
CA ASP B 34 9.39 -26.28 1.61
C ASP B 34 8.13 -26.69 2.26
N ILE B 35 7.76 -26.06 3.35
CA ILE B 35 6.52 -26.39 4.06
C ILE B 35 5.29 -25.89 3.27
N ILE B 36 5.44 -24.75 2.62
CA ILE B 36 4.37 -24.30 1.74
C ILE B 36 4.14 -25.33 0.60
N PHE B 37 5.21 -25.82 -0.04
CA PHE B 37 5.11 -26.81 -1.10
C PHE B 37 4.37 -28.05 -0.63
N LYS B 38 4.85 -28.67 0.45
CA LYS B 38 4.20 -29.78 1.10
C LYS B 38 2.73 -29.61 1.32
N CYS B 39 2.40 -28.50 1.90
CA CYS B 39 1.04 -28.21 2.17
C CYS B 39 0.22 -28.10 0.89
N LEU B 40 0.86 -27.67 -0.22
CA LEU B 40 0.20 -27.61 -1.51
C LEU B 40 0.02 -29.11 -2.06
N CYS B 41 1.03 -29.94 -1.87
CA CYS B 41 0.94 -31.30 -2.24
C CYS B 41 -0.28 -31.96 -1.54
N TYR B 42 -0.27 -32.05 -0.23
CA TYR B 42 -1.50 -32.34 0.48
C TYR B 42 -2.77 -31.64 -0.04
N PHE B 43 -2.73 -30.35 -0.30
CA PHE B 43 -3.93 -29.69 -0.82
C PHE B 43 -4.41 -30.29 -2.16
N HIS B 44 -3.45 -30.77 -2.97
CA HIS B 44 -3.77 -31.40 -4.22
C HIS B 44 -4.52 -32.69 -3.99
N THR B 45 -4.02 -33.53 -3.10
CA THR B 45 -4.69 -34.76 -2.82
C THR B 45 -6.14 -34.51 -2.30
N LEU B 46 -6.45 -33.36 -1.74
CA LEU B 46 -7.83 -33.05 -1.40
C LEU B 46 -8.62 -32.45 -2.55
N TYR B 47 -8.00 -31.62 -3.37
CA TYR B 47 -8.67 -30.82 -4.42
C TYR B 47 -7.77 -30.97 -5.62
N PRO B 48 -8.02 -32.03 -6.40
CA PRO B 48 -7.07 -32.40 -7.44
C PRO B 48 -6.92 -31.37 -8.53
N GLY B 49 -7.89 -30.44 -8.69
CA GLY B 49 -7.71 -29.37 -9.67
C GLY B 49 -6.65 -28.29 -9.33
N LEU B 50 -6.12 -28.34 -8.11
CA LEU B 50 -4.96 -27.53 -7.72
C LEU B 50 -3.69 -28.25 -8.16
N ILE B 51 -2.92 -27.65 -9.04
CA ILE B 51 -1.60 -28.10 -9.35
C ILE B 51 -0.62 -27.62 -8.23
N PRO B 52 0.25 -28.53 -7.70
CA PRO B 52 1.02 -28.09 -6.51
C PRO B 52 2.35 -27.44 -6.89
N LEU B 53 2.28 -26.21 -7.44
CA LEU B 53 3.43 -25.60 -8.10
C LEU B 53 4.57 -25.41 -7.07
N GLU B 54 5.78 -25.69 -7.51
CA GLU B 54 6.95 -25.55 -6.71
C GLU B 54 7.17 -24.05 -6.26
N THR B 55 7.65 -23.90 -5.03
CA THR B 55 7.94 -22.64 -4.40
C THR B 55 9.45 -22.39 -4.32
N PHE B 56 10.25 -23.25 -4.96
N PHE B 56 10.25 -23.25 -4.97
CA PHE B 56 11.71 -23.16 -4.98
CA PHE B 56 11.69 -23.02 -5.00
C PHE B 56 12.30 -23.42 -6.38
C PHE B 56 12.32 -23.38 -6.34
N PRO B 57 12.83 -22.38 -7.08
CA PRO B 57 12.85 -20.99 -6.74
C PRO B 57 11.45 -20.42 -6.98
N PRO B 58 11.01 -19.44 -6.17
CA PRO B 58 9.61 -18.99 -6.18
C PRO B 58 9.34 -18.00 -7.24
N ALA B 59 8.06 -17.73 -7.46
CA ALA B 59 7.66 -16.59 -8.25
C ALA B 59 8.07 -15.31 -7.49
N THR B 60 8.31 -14.27 -8.25
CA THR B 60 8.64 -12.93 -7.73
C THR B 60 7.69 -11.92 -8.38
N ILE B 61 7.79 -10.64 -8.00
CA ILE B 61 6.94 -9.62 -8.57
C ILE B 61 7.42 -9.34 -10.00
N PHE B 62 8.67 -9.76 -10.29
CA PHE B 62 9.25 -9.57 -11.63
C PHE B 62 8.87 -10.63 -12.68
N ASN B 63 8.55 -11.83 -12.26
CA ASN B 63 8.27 -12.91 -13.17
C ASN B 63 6.96 -13.70 -12.94
N PHE B 64 6.12 -13.33 -11.97
CA PHE B 64 4.91 -14.10 -11.67
C PHE B 64 3.95 -14.17 -12.91
N LYS B 65 3.84 -13.04 -13.64
CA LYS B 65 3.04 -13.00 -14.86
C LYS B 65 3.47 -13.98 -15.93
N GLN B 66 4.76 -13.98 -16.18
CA GLN B 66 5.39 -14.80 -17.15
C GLN B 66 5.28 -16.24 -16.76
N LYS B 67 5.30 -16.49 -15.44
CA LYS B 67 5.27 -17.87 -14.97
C LYS B 67 3.87 -18.42 -15.25
N ILE B 68 2.83 -17.64 -14.94
CA ILE B 68 1.46 -18.03 -15.14
C ILE B 68 1.14 -18.22 -16.64
N ILE B 69 1.47 -17.24 -17.46
CA ILE B 69 1.35 -17.37 -18.89
C ILE B 69 2.02 -18.64 -19.42
N SER B 70 3.18 -18.99 -18.93
CA SER B 70 3.90 -20.13 -19.42
C SER B 70 3.20 -21.49 -18.99
N ILE B 71 2.56 -21.46 -17.82
CA ILE B 71 1.86 -22.58 -17.34
C ILE B 71 0.64 -22.73 -18.20
N LEU B 72 -0.14 -21.66 -18.36
CA LEU B 72 -1.32 -21.75 -19.19
C LEU B 72 -1.07 -22.09 -20.69
N GLU B 73 0.09 -21.76 -21.23
CA GLU B 73 0.43 -22.20 -22.54
C GLU B 73 0.74 -23.68 -22.65
N ASP B 74 1.46 -24.18 -21.67
CA ASP B 74 1.70 -25.58 -21.56
C ASP B 74 0.39 -26.39 -21.31
N LYS B 75 -0.56 -25.80 -20.58
CA LYS B 75 -1.83 -26.44 -20.39
C LYS B 75 -2.51 -26.61 -21.78
N LYS B 76 -2.50 -25.53 -22.54
CA LYS B 76 -3.08 -25.53 -23.89
C LYS B 76 -2.39 -26.59 -24.78
N ALA B 77 -1.07 -26.72 -24.70
CA ALA B 77 -0.37 -27.70 -25.50
C ALA B 77 -0.84 -29.11 -25.14
N VAL B 78 -0.95 -29.38 -23.84
CA VAL B 78 -1.35 -30.65 -23.33
C VAL B 78 -2.80 -30.98 -23.83
N LEU B 79 -3.71 -30.02 -23.77
CA LEU B 79 -5.03 -30.19 -24.30
C LEU B 79 -5.10 -30.48 -25.82
N ARG B 80 -4.09 -30.09 -26.60
CA ARG B 80 -3.99 -30.46 -27.98
C ARG B 80 -3.06 -31.63 -28.25
N GLY B 81 -2.71 -32.40 -27.24
CA GLY B 81 -1.75 -33.49 -27.33
C GLY B 81 -0.36 -33.15 -27.80
N GLU B 82 0.06 -31.90 -27.67
CA GLU B 82 1.37 -31.44 -28.18
C GLU B 82 2.39 -31.49 -27.05
N PRO B 83 3.70 -31.39 -27.37
CA PRO B 83 4.77 -31.14 -26.35
C PRO B 83 4.61 -29.89 -25.47
N ILE B 84 5.01 -30.03 -24.21
CA ILE B 84 5.34 -28.93 -23.27
C ILE B 84 6.58 -28.21 -23.67
N LYS B 85 6.59 -26.90 -23.53
CA LYS B 85 7.80 -26.10 -23.85
C LYS B 85 8.52 -25.70 -22.58
N GLY B 86 7.74 -25.25 -21.58
CA GLY B 86 8.23 -24.58 -20.37
C GLY B 86 8.96 -25.59 -19.54
N PRO B 87 9.54 -25.16 -18.39
CA PRO B 87 10.46 -26.05 -17.67
C PRO B 87 9.70 -27.00 -16.75
N LEU B 88 10.17 -28.23 -16.75
CA LEU B 88 9.70 -29.24 -15.86
C LEU B 88 10.02 -28.90 -14.41
N PRO B 89 9.05 -29.11 -13.49
CA PRO B 89 9.41 -29.02 -12.08
C PRO B 89 10.52 -29.99 -11.71
N ILE B 90 11.24 -29.68 -10.64
CA ILE B 90 12.38 -30.45 -10.24
C ILE B 90 11.91 -31.78 -9.68
N CYS B 91 10.74 -31.77 -9.02
CA CYS B 91 10.24 -32.87 -8.19
C CYS B 91 9.05 -33.70 -8.78
N CYS B 92 8.92 -33.67 -10.10
CA CYS B 92 7.80 -34.20 -10.84
C CYS B 92 8.31 -34.76 -12.16
N SER B 93 7.76 -35.92 -12.55
CA SER B 93 8.13 -36.53 -13.84
C SER B 93 7.43 -35.76 -14.94
N LYS B 94 7.98 -35.85 -16.14
CA LYS B 94 7.32 -35.33 -17.38
C LYS B 94 5.84 -35.80 -17.50
N GLU B 95 5.67 -37.11 -17.36
CA GLU B 95 4.36 -37.73 -17.54
C GLU B 95 3.37 -37.20 -16.53
N ASN B 96 3.75 -37.21 -15.27
CA ASN B 96 2.88 -36.61 -14.20
C ASN B 96 2.57 -35.12 -14.38
N TYR B 97 3.55 -34.39 -14.89
CA TYR B 97 3.36 -32.95 -15.08
C TYR B 97 2.29 -32.71 -16.15
N ARG B 98 2.32 -33.51 -17.22
CA ARG B 98 1.25 -33.50 -18.28
C ARG B 98 -0.13 -33.78 -17.75
N ARG B 99 -0.24 -34.74 -16.86
CA ARG B 99 -1.55 -35.04 -16.27
C ARG B 99 -2.07 -33.88 -15.39
N HIS B 100 -1.18 -33.35 -14.54
CA HIS B 100 -1.49 -32.13 -13.75
C HIS B 100 -1.96 -30.97 -14.58
N LEU B 101 -1.23 -30.70 -15.66
CA LEU B 101 -1.59 -29.65 -16.60
C LEU B 101 -2.94 -29.87 -17.22
N GLN B 102 -3.18 -31.10 -17.64
CA GLN B 102 -4.50 -31.51 -18.16
C GLN B 102 -5.63 -31.31 -17.14
N ARG B 103 -5.43 -31.80 -15.92
CA ARG B 103 -6.48 -31.74 -14.88
C ARG B 103 -6.64 -30.36 -14.23
N THR B 104 -5.58 -29.56 -14.13
CA THR B 104 -5.61 -28.38 -13.23
C THR B 104 -6.62 -27.31 -13.61
N THR B 105 -7.36 -26.83 -12.62
CA THR B 105 -8.32 -25.76 -12.78
C THR B 105 -7.93 -24.57 -11.92
N LEU B 106 -6.72 -24.60 -11.35
CA LEU B 106 -6.33 -23.66 -10.25
C LEU B 106 -4.81 -23.61 -10.01
N LEU B 107 -4.22 -22.45 -10.31
CA LEU B 107 -2.78 -22.25 -10.15
C LEU B 107 -2.60 -21.48 -8.84
N PRO B 108 -1.88 -22.07 -7.85
CA PRO B 108 -1.60 -21.37 -6.59
C PRO B 108 -0.19 -20.73 -6.63
N VAL B 109 -0.12 -19.45 -6.97
CA VAL B 109 1.18 -18.86 -7.21
C VAL B 109 1.69 -18.14 -5.98
N PHE B 110 2.78 -18.69 -5.42
CA PHE B 110 3.40 -18.08 -4.22
C PHE B 110 4.49 -17.17 -4.64
N MET B 111 4.33 -15.91 -4.24
CA MET B 111 5.22 -14.84 -4.66
C MET B 111 6.04 -14.36 -3.43
N TRP B 112 7.35 -14.42 -3.55
CA TRP B 112 8.27 -13.99 -2.50
C TRP B 112 8.70 -12.57 -2.81
N TYR B 113 8.34 -11.67 -1.88
CA TYR B 113 8.65 -10.24 -1.99
C TYR B 113 9.60 -9.74 -0.90
N HIS B 114 10.49 -8.84 -1.30
CA HIS B 114 11.25 -7.96 -0.39
C HIS B 114 11.25 -6.54 -1.03
N PRO B 115 10.99 -5.49 -0.23
CA PRO B 115 10.93 -4.09 -0.73
C PRO B 115 12.23 -3.47 -1.31
N THR B 116 13.37 -4.00 -0.94
CA THR B 116 14.65 -3.46 -1.36
C THR B 116 15.08 -3.87 -2.76
N PRO B 117 15.23 -5.18 -3.05
CA PRO B 117 15.82 -5.55 -4.36
C PRO B 117 14.95 -5.07 -5.52
N LYS B 118 15.59 -4.59 -6.58
CA LYS B 118 14.87 -4.01 -7.71
C LYS B 118 15.01 -4.79 -9.02
N THR B 119 15.74 -5.91 -8.99
CA THR B 119 15.85 -6.86 -10.12
C THR B 119 15.54 -8.31 -9.66
N LEU B 120 15.15 -9.20 -10.59
CA LEU B 120 15.04 -10.60 -10.25
C LEU B 120 16.33 -11.12 -9.55
N SER B 121 17.48 -10.91 -10.18
CA SER B 121 18.75 -11.39 -9.61
C SER B 121 19.00 -10.91 -8.19
N ASP B 122 18.71 -9.62 -7.92
CA ASP B 122 18.83 -9.08 -6.57
C ASP B 122 17.86 -9.73 -5.64
N THR B 123 16.59 -9.83 -6.06
CA THR B 123 15.56 -10.53 -5.28
C THR B 123 16.01 -11.91 -4.81
N MET B 124 16.61 -12.66 -5.71
CA MET B 124 17.09 -14.00 -5.40
C MET B 124 18.26 -14.00 -4.47
N GLN B 125 19.14 -13.00 -4.65
CA GLN B 125 20.32 -12.85 -3.82
C GLN B 125 19.90 -12.50 -2.44
N THR B 126 18.99 -11.54 -2.32
CA THR B 126 18.35 -11.20 -1.03
C THR B 126 17.72 -12.43 -0.39
N MET B 127 16.97 -13.19 -1.18
CA MET B 127 16.32 -14.39 -0.66
C MET B 127 17.34 -15.39 -0.10
N LYS B 128 18.34 -15.73 -0.92
CA LYS B 128 19.47 -16.55 -0.46
C LYS B 128 20.12 -15.97 0.80
N GLN B 129 20.41 -14.68 0.80
CA GLN B 129 21.06 -14.03 1.97
C GLN B 129 20.21 -14.22 3.21
N LEU B 130 18.93 -13.85 3.14
CA LEU B 130 18.05 -13.99 4.29
C LEU B 130 17.84 -15.40 4.84
N ALA B 131 18.09 -16.43 4.02
CA ALA B 131 18.05 -17.85 4.46
C ALA B 131 19.17 -18.10 5.44
N ILE B 132 20.41 -17.71 5.07
CA ILE B 132 21.57 -17.96 5.93
C ILE B 132 21.43 -17.13 7.21
N LYS B 133 20.93 -15.91 7.13
CA LYS B 133 20.67 -15.14 8.36
C LYS B 133 19.43 -15.63 9.08
N GLY B 134 18.69 -16.54 8.43
CA GLY B 134 17.64 -17.29 9.09
C GLY B 134 16.54 -16.45 9.67
N SER B 135 16.22 -15.32 9.07
CA SER B 135 15.11 -14.47 9.51
C SER B 135 14.29 -14.10 8.29
N VAL B 136 13.00 -13.88 8.55
CA VAL B 136 12.11 -13.04 7.73
C VAL B 136 12.79 -11.78 7.11
N GLY B 137 13.43 -10.98 7.97
CA GLY B 137 13.77 -9.59 7.62
C GLY B 137 12.48 -8.88 7.24
N ALA B 138 12.55 -8.10 6.19
CA ALA B 138 11.32 -7.49 5.66
C ALA B 138 10.69 -8.36 4.58
N SER B 139 11.16 -9.58 4.42
CA SER B 139 10.58 -10.47 3.37
C SER B 139 9.14 -10.95 3.62
N HIS B 140 8.41 -11.24 2.54
CA HIS B 140 6.94 -11.50 2.57
C HIS B 140 6.54 -12.52 1.50
N TRP B 141 5.44 -13.23 1.78
CA TRP B 141 4.81 -14.09 0.78
C TRP B 141 3.48 -13.49 0.46
N LEU B 142 3.27 -13.45 -0.85
CA LEU B 142 1.97 -13.13 -1.38
C LEU B 142 1.46 -14.38 -2.17
N LEU B 143 0.15 -14.46 -2.23
CA LEU B 143 -0.54 -15.47 -3.03
C LEU B 143 -1.37 -14.83 -4.11
N VAL B 144 -1.11 -15.28 -5.34
CA VAL B 144 -1.97 -15.09 -6.48
C VAL B 144 -2.59 -16.47 -6.93
N ILE B 145 -3.90 -16.54 -6.80
CA ILE B 145 -4.67 -17.69 -7.24
C ILE B 145 -5.13 -17.36 -8.64
N VAL B 146 -4.71 -18.18 -9.57
CA VAL B 146 -5.33 -18.18 -10.90
C VAL B 146 -6.42 -19.26 -10.94
N ASP B 147 -7.66 -18.85 -10.77
CA ASP B 147 -8.76 -19.80 -10.86
C ASP B 147 -9.18 -19.91 -12.34
N ILE B 148 -8.72 -20.96 -13.00
CA ILE B 148 -9.04 -21.17 -14.44
C ILE B 148 -10.56 -21.36 -14.67
N GLN B 149 -11.24 -22.10 -13.81
CA GLN B 149 -12.66 -22.33 -14.05
C GLN B 149 -13.49 -21.06 -13.95
N ALA B 150 -13.38 -20.34 -12.82
CA ALA B 150 -14.22 -19.17 -12.59
C ALA B 150 -13.73 -17.94 -13.42
N ARG B 151 -12.52 -18.06 -13.95
CA ARG B 151 -11.76 -17.03 -14.63
C ARG B 151 -11.51 -15.84 -13.69
N ARG B 152 -10.83 -16.14 -12.58
CA ARG B 152 -10.60 -15.15 -11.46
C ARG B 152 -9.16 -15.08 -11.01
N LEU B 153 -8.62 -13.87 -11.00
CA LEU B 153 -7.32 -13.58 -10.36
C LEU B 153 -7.55 -13.10 -8.97
N VAL B 154 -7.05 -13.88 -7.98
CA VAL B 154 -7.23 -13.55 -6.61
C VAL B 154 -5.85 -13.23 -5.95
N TYR B 155 -5.76 -12.00 -5.42
CA TYR B 155 -4.54 -11.49 -4.83
C TYR B 155 -4.77 -11.39 -3.35
N PHE B 156 -3.99 -12.17 -2.63
CA PHE B 156 -4.05 -12.16 -1.22
C PHE B 156 -2.70 -11.63 -0.68
N ASP B 157 -2.77 -10.49 -0.01
CA ASP B 157 -1.65 -9.97 0.87
C ASP B 157 -2.11 -9.73 2.31
N SER B 158 -1.61 -10.58 3.24
CA SER B 158 -1.96 -10.55 4.66
C SER B 158 -1.53 -9.28 5.33
N LEU B 159 -0.58 -8.55 4.69
CA LEU B 159 -0.23 -7.18 5.07
C LEU B 159 -1.01 -6.10 4.36
N TYR B 160 -1.98 -6.46 3.52
CA TYR B 160 -2.87 -5.51 2.87
C TYR B 160 -2.27 -4.67 1.76
N ASN B 161 -1.14 -3.98 2.01
CA ASN B 161 -0.54 -3.19 0.95
C ASN B 161 0.97 -3.19 1.00
N TYR B 162 1.58 -4.33 1.22
CA TYR B 162 3.02 -4.39 1.36
C TYR B 162 3.78 -4.07 0.09
N VAL B 163 3.16 -4.32 -1.06
CA VAL B 163 3.84 -4.18 -2.35
C VAL B 163 3.41 -2.87 -2.94
N MET B 164 2.09 -2.60 -2.89
CA MET B 164 1.52 -1.34 -3.43
C MET B 164 0.12 -1.29 -2.89
N PRO B 165 -0.58 -0.18 -3.09
CA PRO B 165 -1.91 -0.18 -2.56
C PRO B 165 -2.81 -1.23 -3.29
N PRO B 166 -3.86 -1.74 -2.62
CA PRO B 166 -4.70 -2.72 -3.38
C PRO B 166 -5.26 -2.18 -4.73
N GLU B 167 -5.59 -0.92 -4.84
CA GLU B 167 -6.22 -0.38 -6.05
C GLU B 167 -5.24 -0.32 -7.20
N ASN B 168 -3.96 -0.09 -6.90
CA ASN B 168 -2.92 -0.10 -7.91
C ASN B 168 -2.73 -1.52 -8.32
N MET B 169 -2.62 -2.41 -7.37
CA MET B 169 -2.47 -3.85 -7.70
C MET B 169 -3.64 -4.39 -8.56
N LYS B 170 -4.87 -3.98 -8.23
CA LYS B 170 -6.08 -4.28 -9.01
C LYS B 170 -5.88 -3.86 -10.41
N LYS B 171 -5.40 -2.64 -10.62
CA LYS B 171 -5.26 -2.13 -11.99
C LYS B 171 -4.20 -2.90 -12.74
N GLU B 172 -3.08 -3.22 -12.11
CA GLU B 172 -2.06 -4.03 -12.79
C GLU B 172 -2.56 -5.42 -13.20
N LEU B 173 -3.40 -5.97 -12.34
CA LEU B 173 -3.95 -7.29 -12.56
C LEU B 173 -5.07 -7.25 -13.58
N GLN B 174 -5.84 -6.15 -13.68
CA GLN B 174 -6.83 -6.07 -14.78
C GLN B 174 -6.06 -6.04 -16.08
N SER B 175 -4.93 -5.33 -16.17
CA SER B 175 -4.08 -5.39 -17.37
CA SER B 175 -4.11 -5.42 -17.39
C SER B 175 -3.62 -6.81 -17.66
N PHE B 176 -3.17 -7.49 -16.63
CA PHE B 176 -2.63 -8.83 -16.79
C PHE B 176 -3.76 -9.77 -17.18
N ALA B 177 -4.93 -9.60 -16.57
CA ALA B 177 -6.11 -10.37 -16.88
C ALA B 177 -6.55 -10.27 -18.35
N GLN B 178 -6.29 -9.13 -19.02
CA GLN B 178 -6.56 -8.99 -20.46
C GLN B 178 -5.57 -9.81 -21.29
N GLN B 179 -4.28 -9.86 -20.90
CA GLN B 179 -3.31 -10.75 -21.59
C GLN B 179 -3.79 -12.21 -21.47
N LEU B 180 -4.29 -12.57 -20.29
CA LEU B 180 -4.78 -13.92 -20.05
C LEU B 180 -6.04 -14.24 -20.88
N ASP B 181 -6.89 -13.25 -21.12
CA ASP B 181 -8.00 -13.42 -22.10
C ASP B 181 -7.48 -13.81 -23.49
N GLN B 182 -6.40 -13.19 -23.94
CA GLN B 182 -5.78 -13.59 -25.20
C GLN B 182 -5.02 -14.90 -25.06
N VAL B 183 -4.37 -15.18 -23.93
CA VAL B 183 -3.54 -16.41 -23.84
C VAL B 183 -4.34 -17.72 -23.65
N TYR B 184 -5.39 -17.63 -22.86
CA TYR B 184 -6.23 -18.73 -22.47
C TYR B 184 -7.68 -18.28 -22.65
N PRO B 185 -8.11 -18.18 -23.90
CA PRO B 185 -9.49 -17.68 -24.15
C PRO B 185 -10.55 -18.68 -23.70
N ALA B 186 -11.69 -18.13 -23.27
CA ALA B 186 -12.82 -18.93 -22.91
C ALA B 186 -13.62 -19.22 -24.19
N TYR B 187 -14.48 -20.22 -24.10
CA TYR B 187 -15.29 -20.65 -25.25
C TYR B 187 -16.07 -19.40 -25.68
N ASP B 188 -16.67 -18.69 -24.72
CA ASP B 188 -17.50 -17.49 -24.99
C ASP B 188 -16.84 -16.10 -24.69
N SER B 189 -15.50 -16.02 -24.70
CA SER B 189 -14.84 -14.71 -24.43
C SER B 189 -15.22 -14.06 -23.04
N LYS B 190 -15.55 -14.88 -22.06
CA LYS B 190 -15.76 -14.47 -20.66
C LYS B 190 -14.44 -14.02 -20.19
N LYS B 191 -14.43 -12.84 -19.61
CA LYS B 191 -13.17 -12.20 -19.19
C LYS B 191 -12.80 -12.50 -17.77
N PHE B 192 -11.52 -12.76 -17.66
CA PHE B 192 -10.86 -12.83 -16.37
C PHE B 192 -11.14 -11.56 -15.57
N SER B 193 -11.58 -11.76 -14.34
CA SER B 193 -11.90 -10.74 -13.40
C SER B 193 -10.83 -10.84 -12.29
N VAL B 194 -10.81 -9.85 -11.41
CA VAL B 194 -9.77 -9.66 -10.40
C VAL B 194 -10.44 -9.40 -9.08
N LYS B 195 -10.03 -10.13 -8.04
CA LYS B 195 -10.47 -9.76 -6.68
C LYS B 195 -9.26 -9.52 -5.82
N ILE B 196 -9.29 -8.39 -5.11
CA ILE B 196 -8.28 -8.16 -4.07
C ILE B 196 -8.85 -8.72 -2.76
N ALA B 197 -8.23 -9.79 -2.26
CA ALA B 197 -8.77 -10.57 -1.12
C ALA B 197 -8.78 -9.68 0.16
N ALA B 198 -7.60 -9.16 0.61
CA ALA B 198 -7.56 -8.47 1.92
C ALA B 198 -7.96 -6.99 1.87
N LYS B 199 -8.95 -6.64 2.67
CA LYS B 199 -9.49 -5.29 2.85
C LYS B 199 -8.91 -4.52 4.02
N GLU B 200 -8.20 -5.19 4.91
CA GLU B 200 -7.44 -4.64 6.02
C GLU B 200 -6.18 -5.49 6.17
N VAL B 201 -5.30 -5.15 7.10
CA VAL B 201 -4.15 -5.95 7.44
C VAL B 201 -4.72 -7.12 8.16
N ILE B 202 -4.34 -8.30 7.70
CA ILE B 202 -4.85 -9.54 8.22
C ILE B 202 -3.91 -10.04 9.33
N GLN B 203 -2.60 -10.11 9.08
CA GLN B 203 -1.66 -10.56 10.11
C GLN B 203 -1.19 -9.44 11.05
N ARG B 204 -2.11 -8.67 11.65
CA ARG B 204 -1.79 -7.51 12.52
C ARG B 204 -0.54 -7.67 13.30
N GLY B 205 -0.52 -8.37 14.44
CA GLY B 205 0.68 -8.19 15.35
C GLY B 205 1.78 -9.25 15.20
N SER B 206 2.09 -9.65 13.95
CA SER B 206 3.01 -10.76 13.61
C SER B 206 3.87 -10.35 12.43
N GLY B 207 5.14 -10.68 12.45
CA GLY B 207 6.00 -10.53 11.30
C GLY B 207 6.36 -11.89 10.66
N SER B 208 5.80 -12.98 11.19
CA SER B 208 6.24 -14.31 10.83
C SER B 208 5.16 -15.14 10.14
N SER B 209 3.87 -14.74 10.23
CA SER B 209 2.74 -15.62 9.97
C SER B 209 2.24 -15.68 8.51
N CYS B 210 3.02 -15.16 7.57
CA CYS B 210 2.49 -14.76 6.29
C CYS B 210 2.32 -15.97 5.40
N GLY B 211 3.27 -16.89 5.41
CA GLY B 211 3.12 -18.19 4.71
C GLY B 211 1.87 -18.94 5.16
N ALA B 212 1.80 -19.27 6.44
CA ALA B 212 0.59 -19.83 7.03
C ALA B 212 -0.73 -19.12 6.65
N TRP B 213 -0.72 -17.80 6.66
CA TRP B 213 -1.95 -17.08 6.28
C TRP B 213 -2.34 -17.36 4.88
N CYS B 214 -1.31 -17.44 4.03
CA CYS B 214 -1.48 -17.60 2.59
C CYS B 214 -2.12 -18.99 2.27
N CYS B 215 -1.57 -20.02 2.89
CA CYS B 215 -2.11 -21.36 2.87
C CYS B 215 -3.50 -21.46 3.50
N GLN B 216 -3.72 -20.87 4.66
CA GLN B 216 -5.07 -20.77 5.22
C GLN B 216 -6.05 -20.10 4.23
N PHE B 217 -5.68 -18.97 3.66
CA PHE B 217 -6.61 -18.34 2.74
C PHE B 217 -6.87 -19.24 1.55
N LEU B 218 -5.80 -19.78 0.97
CA LEU B 218 -5.94 -20.80 -0.08
C LEU B 218 -6.95 -21.86 0.34
N HIS B 219 -6.79 -22.43 1.52
CA HIS B 219 -7.69 -23.52 1.95
C HIS B 219 -9.14 -23.05 2.04
N TRP B 220 -9.38 -21.91 2.64
CA TRP B 220 -10.75 -21.38 2.61
C TRP B 220 -11.29 -21.25 1.18
N TYR B 221 -10.40 -20.93 0.25
CA TYR B 221 -10.80 -20.61 -1.11
C TYR B 221 -11.21 -21.89 -1.85
N LEU B 222 -10.42 -22.94 -1.64
CA LEU B 222 -10.70 -24.30 -2.10
C LEU B 222 -12.03 -24.77 -1.50
N LYS B 223 -12.19 -24.69 -0.18
CA LYS B 223 -13.50 -24.97 0.41
C LYS B 223 -14.65 -24.15 -0.17
N ASP B 224 -14.38 -22.88 -0.44
CA ASP B 224 -15.42 -22.01 -0.99
C ASP B 224 -14.75 -20.92 -1.78
N PRO B 225 -14.87 -20.98 -3.11
CA PRO B 225 -14.28 -19.91 -3.86
C PRO B 225 -14.99 -18.60 -3.63
N LEU B 226 -16.23 -18.59 -3.14
CA LEU B 226 -16.90 -17.33 -2.79
C LEU B 226 -16.64 -16.91 -1.31
N THR B 227 -15.55 -17.40 -0.73
CA THR B 227 -15.28 -17.29 0.73
C THR B 227 -15.25 -15.84 1.15
N ASP B 228 -15.94 -15.60 2.25
CA ASP B 228 -15.92 -14.34 2.95
C ASP B 228 -15.17 -14.55 4.23
N ALA B 229 -14.29 -15.54 4.33
CA ALA B 229 -13.67 -15.89 5.61
C ALA B 229 -12.89 -14.69 6.24
N LEU B 230 -12.26 -13.85 5.41
CA LEU B 230 -11.44 -12.70 5.84
C LEU B 230 -12.25 -11.61 6.60
N ASN B 231 -13.44 -11.30 6.07
CA ASN B 231 -14.45 -10.50 6.74
C ASN B 231 -14.94 -11.09 8.10
N ASP B 232 -14.91 -12.40 8.27
CA ASP B 232 -15.47 -13.01 9.47
C ASP B 232 -14.47 -13.13 10.61
N LEU B 233 -13.21 -12.77 10.37
CA LEU B 233 -12.15 -13.00 11.34
C LEU B 233 -12.39 -12.35 12.72
N PRO B 234 -11.85 -12.96 13.79
CA PRO B 234 -11.96 -12.30 15.08
C PRO B 234 -11.11 -11.02 15.10
N VAL B 235 -11.65 -9.99 15.74
CA VAL B 235 -10.98 -8.68 15.85
C VAL B 235 -9.65 -8.77 16.61
N ASP B 236 -9.64 -9.51 17.72
CA ASP B 236 -8.40 -9.69 18.48
C ASP B 236 -7.33 -10.37 17.62
N SER B 237 -6.14 -9.78 17.53
CA SER B 237 -5.01 -10.32 16.78
C SER B 237 -4.46 -11.63 17.36
N VAL B 238 -4.54 -11.78 18.69
CA VAL B 238 -4.08 -13.03 19.36
C VAL B 238 -5.01 -14.20 19.04
N GLU B 239 -6.31 -13.97 19.22
CA GLU B 239 -7.37 -14.91 18.92
C GLU B 239 -7.24 -15.41 17.49
N ARG B 240 -7.11 -14.49 16.55
CA ARG B 240 -6.99 -14.86 15.15
C ARG B 240 -5.72 -15.67 14.89
N HIS B 241 -4.64 -15.42 15.63
CA HIS B 241 -3.41 -16.23 15.42
C HIS B 241 -3.42 -17.53 16.18
N GLU B 242 -4.25 -17.62 17.21
CA GLU B 242 -4.52 -18.92 17.87
C GLU B 242 -5.24 -19.86 16.87
N ASN B 243 -6.35 -19.38 16.29
CA ASN B 243 -7.07 -20.07 15.19
C ASN B 243 -6.13 -20.49 14.08
N LEU B 244 -5.28 -19.55 13.65
CA LEU B 244 -4.33 -19.88 12.61
C LEU B 244 -3.37 -20.94 13.06
N ALA B 245 -2.94 -20.90 14.31
CA ALA B 245 -2.05 -21.95 14.86
C ALA B 245 -2.69 -23.37 14.80
N SER B 246 -4.01 -23.48 15.07
CA SER B 246 -4.77 -24.74 14.92
C SER B 246 -4.64 -25.24 13.50
N PHE B 247 -4.99 -24.34 12.58
CA PHE B 247 -4.78 -24.59 11.20
C PHE B 247 -3.38 -25.16 10.96
N VAL B 248 -2.35 -24.44 11.37
CA VAL B 248 -1.00 -24.90 11.10
C VAL B 248 -0.71 -26.29 11.66
N GLN B 249 -1.23 -26.60 12.85
CA GLN B 249 -0.90 -27.91 13.45
C GLN B 249 -1.60 -29.04 12.69
N ALA B 250 -2.87 -28.78 12.30
CA ALA B 250 -3.60 -29.68 11.43
C ALA B 250 -2.80 -29.99 10.17
N CYS B 251 -2.30 -28.97 9.47
CA CYS B 251 -1.48 -29.24 8.29
C CYS B 251 -0.14 -29.91 8.53
N GLU B 252 0.61 -29.46 9.54
CA GLU B 252 1.90 -30.09 9.85
C GLU B 252 1.73 -31.58 10.18
N ALA B 253 0.64 -31.94 10.87
CA ALA B 253 0.35 -33.36 11.20
C ALA B 253 0.02 -34.10 9.92
N ALA B 254 -0.91 -33.56 9.14
CA ALA B 254 -1.28 -34.12 7.84
C ALA B 254 -0.15 -34.32 6.81
N VAL B 255 0.96 -33.56 6.80
CA VAL B 255 2.03 -33.79 5.78
C VAL B 255 3.28 -34.46 6.30
N GLN B 256 3.28 -34.84 7.58
CA GLN B 256 4.52 -35.34 8.21
C GLN B 256 5.17 -36.48 7.39
N ASP B 257 4.34 -37.47 7.04
CA ASP B 257 4.87 -38.72 6.43
C ASP B 257 4.62 -38.77 4.94
N LEU B 258 4.15 -37.64 4.36
CA LEU B 258 3.96 -37.52 2.92
C LEU B 258 5.31 -37.43 2.25
N PRO B 259 5.44 -37.94 1.01
CA PRO B 259 6.81 -38.10 0.47
C PRO B 259 7.58 -36.76 0.35
N GLU B 260 8.91 -36.83 0.31
CA GLU B 260 9.72 -35.64 0.31
C GLU B 260 10.10 -35.30 -1.10
N LEU B 261 9.87 -34.06 -1.50
CA LEU B 261 10.34 -33.58 -2.79
C LEU B 261 9.74 -34.49 -3.93
N SER B 262 8.41 -34.45 -3.99
CA SER B 262 7.70 -35.50 -4.70
C SER B 262 6.27 -35.08 -4.97
N TRP B 263 5.97 -34.75 -6.22
CA TRP B 263 4.61 -34.37 -6.52
C TRP B 263 3.65 -35.55 -6.35
N PRO B 264 2.41 -35.27 -5.84
CA PRO B 264 1.41 -36.34 -5.82
C PRO B 264 1.16 -36.71 -7.27
N GLU B 265 0.63 -37.91 -7.50
CA GLU B 265 0.35 -38.33 -8.85
C GLU B 265 -1.04 -37.89 -9.23
N ALA B 266 -1.12 -37.09 -10.29
CA ALA B 266 -2.42 -36.58 -10.77
C ALA B 266 -3.15 -37.62 -11.62
#